data_4MLV
#
_entry.id   4MLV
#
_cell.length_a   53.320
_cell.length_b   65.780
_cell.length_c   97.210
_cell.angle_alpha   90.00
_cell.angle_beta   90.00
_cell.angle_gamma   90.00
#
_symmetry.space_group_name_H-M   'P 21 21 21'
#
loop_
_entity.id
_entity.type
_entity.pdbx_description
1 polymer 'Porphobilinogen deaminase'
2 non-polymer '3-[5-{[3-(2-carboxyethyl)-4-(carboxymethyl)-5-methyl-1H-pyrrol-2-yl]methyl}-4-(carboxymethyl)-1H-pyrrol-3-yl]propanoic acid'
3 non-polymer '3-[(5S)-5-{[3-(2-carboxyethyl)-4-(carboxymethyl)-5-methyl-1H-pyrrol-2-yl]methyl}-4-(carboxymethyl)-2-oxo-2,5-dihydro-1H-pyrrol-3-yl]propanoic acid'
4 non-polymer 'ACETIC ACID'
5 water water
#
_entity_poly.entity_id   1
_entity_poly.type   'polypeptide(L)'
_entity_poly.pdbx_seq_one_letter_code
;SHMRKIIVGSRRSKLALTQTKWVIEQLKKQGLPFEFEIKEMVTKGDQILNVTLSKVGGKGLFVKEIEQAMLDKEIDMAVH
SMKDMPAVLPEGLTIGCIPLREDHRDALISKNGERFEELPSGAVIGTSSLRRGAQLLSMRSDIEIKWIRGNIDTRLEKLK
NEDYDAIILAAAGLSRMGWSKDTVTQYLEPEISVPAVGQGALAIECRENDHELLSLLQALNHDETARAVRAERVFLKEME
GGCQVPIAGYGRILDGGNIELTSLVASPDGKTIYKEHITGKDPIAIGSEAAERLTSQGAKLLIDRVKEELDK
;
_entity_poly.pdbx_strand_id   A
#
loop_
_chem_comp.id
_chem_comp.type
_chem_comp.name
_chem_comp.formula
29P non-polymer '3-[(5S)-5-{[3-(2-carboxyethyl)-4-(carboxymethyl)-5-methyl-1H-pyrrol-2-yl]methyl}-4-(carboxymethyl)-2-oxo-2,5-dihydro-1H-pyrrol-3-yl]propanoic acid' 'C20 H24 N2 O9'
ACY non-polymer 'ACETIC ACID' 'C2 H4 O2'
DPM non-polymer '3-[5-{[3-(2-carboxyethyl)-4-(carboxymethyl)-5-methyl-1H-pyrrol-2-yl]methyl}-4-(carboxymethyl)-1H-pyrrol-3-yl]propanoic acid' 'C20 H24 N2 O8'
#
# COMPACT_ATOMS: atom_id res chain seq x y z
N SER A 1 -26.30 -27.25 -1.20
CA SER A 1 -25.63 -28.59 -1.22
C SER A 1 -24.21 -28.58 -0.53
N HIS A 2 -23.44 -29.68 -0.61
CA HIS A 2 -22.18 -29.81 0.14
C HIS A 2 -20.91 -29.41 -0.72
N MET A 3 -20.49 -28.24 -0.38
CA MET A 3 -19.51 -27.59 -1.19
C MET A 3 -18.29 -27.35 -0.31
N ARG A 4 -17.15 -27.15 -0.97
CA ARG A 4 -15.98 -26.77 -0.23
C ARG A 4 -16.22 -25.47 0.50
N LYS A 5 -15.83 -25.34 1.75
CA LYS A 5 -15.86 -24.15 2.51
C LYS A 5 -14.48 -23.53 2.63
N ILE A 6 -14.32 -22.35 2.03
CA ILE A 6 -13.08 -21.63 1.98
C ILE A 6 -13.00 -20.76 3.22
N ILE A 7 -11.96 -20.99 4.04
CA ILE A 7 -11.77 -20.29 5.29
C ILE A 7 -10.84 -19.07 5.01
N VAL A 8 -11.35 -17.87 5.27
CA VAL A 8 -10.64 -16.63 5.01
C VAL A 8 -10.25 -15.99 6.33
N GLY A 9 -8.97 -15.96 6.57
CA GLY A 9 -8.42 -15.37 7.81
C GLY A 9 -8.42 -13.89 7.68
N SER A 10 -8.82 -13.18 8.76
CA SER A 10 -8.76 -11.71 8.73
C SER A 10 -8.40 -11.15 10.09
N ARG A 11 -7.61 -10.08 10.08
CA ARG A 11 -7.54 -9.12 11.21
C ARG A 11 -8.92 -8.57 11.56
N ARG A 12 -9.04 -8.02 12.78
CA ARG A 12 -10.32 -7.44 13.22
C ARG A 12 -10.66 -5.95 12.95
N SER A 13 -9.75 -5.11 12.45
CA SER A 13 -10.10 -3.74 12.16
C SER A 13 -11.26 -3.70 11.20
N LYS A 14 -11.93 -2.58 11.30
CA LYS A 14 -13.02 -2.20 10.40
C LYS A 14 -12.46 -2.32 8.99
N LEU A 15 -11.30 -1.70 8.73
CA LEU A 15 -10.78 -1.80 7.35
C LEU A 15 -10.42 -3.21 6.91
N ALA A 16 -9.71 -3.97 7.70
CA ALA A 16 -9.34 -5.33 7.36
C ALA A 16 -10.56 -6.17 7.02
N LEU A 17 -11.59 -6.12 7.86
CA LEU A 17 -12.78 -6.90 7.61
C LEU A 17 -13.53 -6.39 6.39
N THR A 18 -13.52 -5.07 6.15
CA THR A 18 -14.16 -4.51 4.98
C THR A 18 -13.51 -4.98 3.70
N GLN A 19 -12.20 -4.97 3.64
CA GLN A 19 -11.46 -5.46 2.47
C GLN A 19 -11.66 -6.94 2.31
N THR A 20 -11.67 -7.68 3.40
CA THR A 20 -11.89 -9.12 3.30
C THR A 20 -13.27 -9.43 2.74
N LYS A 21 -14.29 -8.76 3.27
CA LYS A 21 -15.64 -9.01 2.80
C LYS A 21 -15.87 -8.54 1.38
N TRP A 22 -15.15 -7.47 0.96
CA TRP A 22 -15.20 -7.08 -0.39
C TRP A 22 -14.78 -8.20 -1.38
N VAL A 23 -13.60 -8.74 -1.03
CA VAL A 23 -13.04 -9.83 -1.84
C VAL A 23 -14.05 -11.03 -1.90
N ILE A 24 -14.57 -11.41 -0.78
CA ILE A 24 -15.54 -12.52 -0.72
C ILE A 24 -16.76 -12.23 -1.64
N GLU A 25 -17.25 -10.99 -1.53
CA GLU A 25 -18.42 -10.64 -2.34
C GLU A 25 -18.10 -10.66 -3.82
N GLN A 26 -16.88 -10.23 -4.19
CA GLN A 26 -16.53 -10.35 -5.55
C GLN A 26 -16.41 -11.79 -6.07
N LEU A 27 -15.81 -12.66 -5.26
CA LEU A 27 -15.67 -14.05 -5.63
C LEU A 27 -17.02 -14.75 -5.78
N LYS A 28 -17.97 -14.36 -4.94
CA LYS A 28 -19.37 -14.90 -5.03
C LYS A 28 -20.00 -14.59 -6.35
N LYS A 29 -19.59 -13.52 -7.00
CA LYS A 29 -20.19 -13.16 -8.33
C LYS A 29 -19.97 -14.19 -9.38
N GLN A 30 -18.92 -15.05 -9.24
CA GLN A 30 -18.69 -16.07 -10.19
C GLN A 30 -19.78 -17.15 -10.09
N GLY A 31 -20.49 -17.24 -8.93
CA GLY A 31 -21.55 -18.20 -8.74
C GLY A 31 -21.07 -19.63 -8.71
N LEU A 32 -19.83 -19.87 -8.34
CA LEU A 32 -19.27 -21.23 -8.27
C LEU A 32 -19.60 -21.83 -6.92
N PRO A 33 -19.57 -23.17 -6.81
CA PRO A 33 -19.96 -23.80 -5.56
C PRO A 33 -18.85 -23.81 -4.53
N PHE A 34 -18.73 -22.69 -3.86
CA PHE A 34 -17.94 -22.50 -2.73
C PHE A 34 -18.69 -21.75 -1.64
N GLU A 35 -18.50 -22.07 -0.39
CA GLU A 35 -18.90 -21.31 0.70
C GLU A 35 -17.72 -20.60 1.26
N PHE A 36 -17.89 -19.45 1.81
CA PHE A 36 -16.82 -18.66 2.41
C PHE A 36 -17.15 -18.35 3.85
N GLU A 37 -16.19 -18.48 4.71
CA GLU A 37 -16.34 -18.10 6.09
C GLU A 37 -15.12 -17.35 6.57
N ILE A 38 -15.31 -16.23 7.28
CA ILE A 38 -14.22 -15.50 7.82
C ILE A 38 -13.84 -16.05 9.19
N LYS A 39 -12.56 -16.33 9.40
CA LYS A 39 -11.97 -16.66 10.70
C LYS A 39 -11.22 -15.39 11.18
N GLU A 40 -11.76 -14.66 12.18
CA GLU A 40 -11.07 -13.44 12.66
C GLU A 40 -9.89 -13.97 13.49
N MET A 41 -8.69 -13.44 13.23
CA MET A 41 -7.46 -14.01 13.77
C MET A 41 -7.04 -13.02 14.80
N VAL A 63 0.81 -10.08 9.53
CA VAL A 63 0.85 -10.91 8.29
C VAL A 63 1.53 -12.29 8.60
N LYS A 64 2.56 -12.27 9.49
CA LYS A 64 3.28 -13.55 9.75
C LYS A 64 2.49 -14.63 10.52
N GLU A 65 1.70 -14.26 11.50
CA GLU A 65 0.76 -15.24 12.12
C GLU A 65 -0.32 -15.79 11.14
N ILE A 66 -0.84 -14.90 10.29
CA ILE A 66 -1.91 -15.29 9.38
C ILE A 66 -1.24 -16.30 8.44
N GLU A 67 -0.02 -16.05 8.02
CA GLU A 67 0.79 -16.96 7.18
C GLU A 67 1.05 -18.36 7.81
N GLN A 68 1.42 -18.41 9.08
CA GLN A 68 1.59 -19.66 9.75
C GLN A 68 0.30 -20.51 9.79
N ALA A 69 -0.85 -19.84 10.05
CA ALA A 69 -2.15 -20.48 10.07
C ALA A 69 -2.43 -21.06 8.67
N MET A 70 -2.11 -20.30 7.66
CA MET A 70 -2.33 -20.71 6.30
C MET A 70 -1.47 -21.96 5.93
N LEU A 71 -0.19 -21.97 6.31
CA LEU A 71 0.69 -23.09 6.02
C LEU A 71 0.20 -24.34 6.77
N ASP A 72 -0.44 -24.15 7.89
CA ASP A 72 -0.95 -25.22 8.76
C ASP A 72 -2.34 -25.72 8.29
N LYS A 73 -2.88 -25.04 7.25
CA LYS A 73 -4.19 -25.32 6.71
C LYS A 73 -5.33 -24.99 7.61
N GLU A 74 -5.08 -24.18 8.60
CA GLU A 74 -6.14 -23.65 9.46
C GLU A 74 -7.08 -22.58 8.78
N ILE A 75 -6.47 -21.85 7.84
CA ILE A 75 -7.21 -21.00 6.93
C ILE A 75 -6.72 -21.34 5.57
N ASP A 76 -7.46 -20.92 4.53
CA ASP A 76 -7.11 -21.11 3.14
C ASP A 76 -6.60 -19.86 2.42
N MET A 77 -7.06 -18.70 2.89
CA MET A 77 -6.61 -17.49 2.22
C MET A 77 -6.74 -16.33 3.20
N ALA A 78 -6.13 -15.18 2.80
CA ALA A 78 -6.17 -13.93 3.56
C ALA A 78 -6.05 -12.80 2.56
N VAL A 79 -6.61 -11.66 2.92
CA VAL A 79 -6.58 -10.45 2.13
C VAL A 79 -5.79 -9.40 2.88
N HIS A 80 -4.69 -8.99 2.32
CA HIS A 80 -3.85 -7.98 2.97
C HIS A 80 -3.74 -6.72 2.13
N SER A 81 -3.46 -5.60 2.76
CA SER A 81 -2.98 -4.48 2.00
C SER A 81 -1.64 -4.75 1.44
N MET A 82 -1.43 -4.62 0.13
CA MET A 82 -0.17 -4.89 -0.49
C MET A 82 0.99 -4.17 0.11
N LYS A 83 0.76 -2.91 0.53
CA LYS A 83 1.87 -2.12 1.07
C LYS A 83 2.41 -2.65 2.40
N ASP A 84 1.66 -3.55 3.04
CA ASP A 84 2.04 -4.20 4.27
C ASP A 84 2.64 -5.59 4.07
N MET A 85 2.81 -6.07 2.85
CA MET A 85 3.30 -7.39 2.58
C MET A 85 4.80 -7.44 2.69
N PRO A 86 5.32 -8.52 3.26
CA PRO A 86 6.75 -8.73 3.24
C PRO A 86 7.31 -8.88 1.84
N ALA A 87 8.63 -8.65 1.69
CA ALA A 87 9.29 -8.86 0.43
C ALA A 87 9.29 -10.30 -0.07
N VAL A 88 9.42 -11.20 0.87
CA VAL A 88 9.45 -12.64 0.56
C VAL A 88 8.41 -13.36 1.38
N LEU A 89 7.59 -14.11 0.64
CA LEU A 89 6.59 -14.91 1.26
C LEU A 89 7.27 -16.22 1.72
N PRO A 90 6.75 -16.81 2.77
CA PRO A 90 7.24 -18.14 3.22
C PRO A 90 7.09 -19.14 2.11
N GLU A 91 7.96 -20.15 2.09
CA GLU A 91 7.87 -21.15 1.07
C GLU A 91 6.53 -21.88 1.25
N GLY A 92 5.87 -22.15 0.12
CA GLY A 92 4.54 -22.78 0.11
C GLY A 92 3.36 -21.82 0.04
N LEU A 93 3.56 -20.52 0.26
CA LEU A 93 2.50 -19.50 0.05
C LEU A 93 2.76 -18.68 -1.17
N THR A 94 1.70 -18.03 -1.69
CA THR A 94 1.82 -17.20 -2.84
C THR A 94 0.77 -16.10 -2.77
N ILE A 95 1.05 -15.06 -3.56
CA ILE A 95 0.02 -14.06 -3.84
C ILE A 95 -0.75 -14.62 -5.02
N GLY A 96 -1.92 -15.15 -4.74
CA GLY A 96 -2.71 -15.77 -5.76
C GLY A 96 -3.62 -14.88 -6.58
N CYS A 97 -3.76 -13.62 -6.13
CA CYS A 97 -4.59 -12.67 -6.87
C CYS A 97 -4.26 -11.24 -6.41
N ILE A 98 -4.30 -10.30 -7.36
CA ILE A 98 -4.25 -8.87 -7.10
C ILE A 98 -5.46 -8.23 -7.85
N PRO A 99 -6.47 -7.87 -7.13
CA PRO A 99 -7.66 -7.32 -7.83
C PRO A 99 -7.39 -5.92 -8.37
N LEU A 100 -8.34 -5.42 -9.15
CA LEU A 100 -8.31 -4.07 -9.68
C LEU A 100 -7.99 -3.11 -8.57
N ARG A 101 -6.94 -2.33 -8.88
CA ARG A 101 -6.45 -1.39 -7.86
C ARG A 101 -7.48 -0.38 -7.39
N GLU A 102 -7.53 -0.04 -6.12
CA GLU A 102 -8.20 1.12 -5.60
C GLU A 102 -7.29 2.35 -5.95
N ASP A 103 -7.79 3.51 -5.51
CA ASP A 103 -7.02 4.72 -5.62
C ASP A 103 -5.66 4.51 -4.94
N HIS A 104 -4.61 4.86 -5.64
CA HIS A 104 -3.21 4.67 -5.23
C HIS A 104 -2.75 5.85 -4.35
N ARG A 105 -3.48 6.97 -4.36
CA ARG A 105 -2.95 8.22 -3.90
C ARG A 105 -3.01 8.38 -2.36
N ASP A 106 -2.06 9.19 -1.88
CA ASP A 106 -2.16 9.77 -0.55
C ASP A 106 -3.26 10.83 -0.55
N ALA A 107 -3.86 11.06 0.61
CA ALA A 107 -4.94 12.04 0.78
C ALA A 107 -4.62 12.91 1.99
N LEU A 108 -4.85 14.21 1.81
CA LEU A 108 -4.75 15.16 2.92
C LEU A 108 -6.14 15.37 3.47
N ILE A 109 -6.27 15.25 4.80
CA ILE A 109 -7.53 15.46 5.58
C ILE A 109 -7.22 16.59 6.54
N SER A 110 -7.74 17.77 6.22
CA SER A 110 -7.54 18.97 7.05
C SER A 110 -8.74 19.25 7.92
N LYS A 111 -8.44 19.48 9.21
CA LYS A 111 -9.46 19.79 10.21
C LYS A 111 -10.29 20.99 9.76
N ASN A 112 -9.67 22.01 9.21
CA ASN A 112 -10.42 23.20 8.87
C ASN A 112 -10.47 23.43 7.36
N GLY A 113 -10.29 22.32 6.62
CA GLY A 113 -10.60 22.34 5.20
C GLY A 113 -9.61 22.94 4.22
N GLU A 114 -8.40 23.25 4.64
CA GLU A 114 -7.42 23.85 3.76
C GLU A 114 -6.67 22.79 2.90
N ARG A 115 -6.53 23.10 1.64
CA ARG A 115 -5.57 22.39 0.75
C ARG A 115 -4.14 22.54 1.29
N PHE A 116 -3.22 21.69 0.81
CA PHE A 116 -1.88 21.66 1.32
C PHE A 116 -1.21 23.05 1.31
N GLU A 117 -1.28 23.75 0.18
CA GLU A 117 -0.66 25.04 0.01
C GLU A 117 -1.36 26.15 0.85
N GLU A 118 -2.59 25.90 1.26
CA GLU A 118 -3.38 26.85 2.02
C GLU A 118 -3.26 26.64 3.54
N LEU A 119 -2.72 25.52 4.02
CA LEU A 119 -2.57 25.35 5.46
C LEU A 119 -1.74 26.49 6.02
N PRO A 120 -2.08 26.95 7.20
CA PRO A 120 -1.27 28.06 7.76
C PRO A 120 0.19 27.67 7.99
N SER A 121 1.06 28.68 7.98
CA SER A 121 2.42 28.45 8.36
C SER A 121 2.41 27.85 9.80
N GLY A 122 3.28 26.84 10.00
CA GLY A 122 3.28 26.07 11.21
C GLY A 122 2.29 24.96 11.41
N ALA A 123 1.52 24.66 10.38
CA ALA A 123 0.48 23.60 10.45
C ALA A 123 1.17 22.28 10.78
N VAL A 124 0.51 21.51 11.64
CA VAL A 124 0.98 20.25 12.12
C VAL A 124 0.22 19.17 11.30
N ILE A 125 1.01 18.38 10.57
CA ILE A 125 0.43 17.30 9.73
C ILE A 125 0.81 15.95 10.36
N GLY A 126 -0.15 15.12 10.71
CA GLY A 126 0.02 13.84 11.34
C GLY A 126 0.32 12.74 10.36
N THR A 127 1.47 12.11 10.52
CA THR A 127 1.83 10.87 9.84
C THR A 127 3.02 10.25 10.56
N SER A 128 3.08 8.93 10.57
CA SER A 128 4.24 8.21 11.06
C SER A 128 5.08 7.73 9.89
N SER A 129 4.79 8.18 8.67
CA SER A 129 5.51 7.73 7.49
C SER A 129 6.56 8.71 7.10
N LEU A 130 7.84 8.24 7.07
CA LEU A 130 8.89 9.08 6.56
C LEU A 130 8.75 9.45 5.07
N ARG A 131 8.24 8.44 4.32
CA ARG A 131 7.94 8.72 2.91
C ARG A 131 7.02 9.94 2.69
N ARG A 132 5.92 9.92 3.47
CA ARG A 132 4.94 11.02 3.37
C ARG A 132 5.52 12.29 3.87
N GLY A 133 6.10 12.25 5.09
CA GLY A 133 6.54 13.52 5.63
C GLY A 133 7.65 14.17 4.85
N ALA A 134 8.61 13.36 4.35
CA ALA A 134 9.72 13.93 3.62
C ALA A 134 9.24 14.61 2.38
N GLN A 135 8.26 14.02 1.66
CA GLN A 135 7.74 14.68 0.48
C GLN A 135 7.00 15.95 0.74
N LEU A 136 6.28 15.98 1.87
CA LEU A 136 5.63 17.24 2.19
C LEU A 136 6.64 18.34 2.61
N LEU A 137 7.70 17.96 3.30
CA LEU A 137 8.72 18.95 3.77
C LEU A 137 9.52 19.42 2.54
N SER A 138 9.58 18.59 1.50
CA SER A 138 10.22 19.04 0.29
C SER A 138 9.53 20.18 -0.41
N MET A 139 8.24 20.27 -0.22
CA MET A 139 7.39 21.36 -0.77
C MET A 139 7.26 22.54 0.15
N ARG A 140 7.16 22.28 1.47
CA ARG A 140 7.00 23.34 2.45
C ARG A 140 7.86 23.06 3.64
N SER A 141 8.72 24.04 3.92
CA SER A 141 9.45 24.12 5.17
C SER A 141 8.69 24.49 6.41
N ASP A 142 7.69 25.34 6.24
CA ASP A 142 6.94 26.03 7.30
C ASP A 142 5.73 25.21 7.73
N ILE A 143 5.90 23.89 7.72
CA ILE A 143 4.97 22.91 8.34
C ILE A 143 5.74 22.01 9.28
N GLU A 144 5.03 21.34 10.15
CA GLU A 144 5.54 20.39 11.08
C GLU A 144 4.93 19.03 10.84
N ILE A 145 5.74 18.00 10.83
CA ILE A 145 5.28 16.60 10.73
C ILE A 145 5.31 15.96 12.11
N LYS A 146 4.18 15.50 12.57
CA LYS A 146 4.01 14.94 13.87
C LYS A 146 3.58 13.47 13.79
N TRP A 147 4.26 12.57 14.48
CA TRP A 147 3.86 11.20 14.61
C TRP A 147 2.38 11.02 14.98
N ILE A 148 1.75 10.03 14.38
CA ILE A 148 0.38 9.59 14.73
C ILE A 148 0.33 8.09 14.43
N ARG A 149 -0.45 7.36 15.25
CA ARG A 149 -0.72 5.95 14.96
C ARG A 149 -2.18 5.66 15.23
N GLY A 150 -2.55 4.50 14.71
CA GLY A 150 -3.92 3.99 14.88
C GLY A 150 -4.50 3.53 13.59
N ASN A 151 -5.62 2.83 13.70
CA ASN A 151 -6.37 2.43 12.58
C ASN A 151 -6.99 3.74 12.04
N ILE A 152 -7.54 3.68 10.81
CA ILE A 152 -8.02 4.94 10.20
C ILE A 152 -8.98 5.75 11.02
N ASP A 153 -9.94 5.07 11.64
CA ASP A 153 -10.95 5.77 12.39
C ASP A 153 -10.37 6.45 13.67
N THR A 154 -9.44 5.76 14.32
CA THR A 154 -8.71 6.32 15.49
C THR A 154 -7.95 7.59 15.07
N ARG A 155 -7.28 7.54 13.87
CA ARG A 155 -6.56 8.68 13.43
C ARG A 155 -7.44 9.88 13.12
N LEU A 156 -8.60 9.60 12.53
CA LEU A 156 -9.51 10.68 12.29
C LEU A 156 -10.03 11.33 13.61
N GLU A 157 -10.22 10.50 14.60
CA GLU A 157 -10.58 11.05 15.94
C GLU A 157 -9.48 11.83 16.61
N LYS A 158 -8.25 11.33 16.48
CA LYS A 158 -7.09 12.11 16.97
C LYS A 158 -6.96 13.42 16.25
N LEU A 159 -7.17 13.48 14.91
CA LEU A 159 -7.21 14.78 14.26
C LEU A 159 -8.19 15.77 14.91
N LYS A 160 -9.38 15.26 15.26
CA LYS A 160 -10.40 16.11 15.83
C LYS A 160 -10.01 16.54 17.23
N ASN A 161 -9.45 15.62 18.00
CA ASN A 161 -9.38 15.84 19.49
C ASN A 161 -7.97 16.09 20.02
N GLU A 162 -6.97 16.13 19.13
CA GLU A 162 -5.61 16.39 19.49
C GLU A 162 -5.02 17.54 18.64
N ASP A 163 -3.76 17.88 18.88
CA ASP A 163 -3.10 19.04 18.29
C ASP A 163 -2.47 18.61 16.92
N TYR A 164 -3.35 18.35 15.99
CA TYR A 164 -3.01 18.13 14.56
C TYR A 164 -3.91 19.11 13.75
N ASP A 165 -3.40 19.79 12.71
CA ASP A 165 -4.17 20.52 11.78
C ASP A 165 -4.64 19.71 10.56
N ALA A 166 -3.94 18.59 10.33
CA ALA A 166 -4.28 17.73 9.19
C ALA A 166 -3.65 16.41 9.46
N ILE A 167 -4.05 15.42 8.69
CA ILE A 167 -3.40 14.11 8.66
C ILE A 167 -3.29 13.68 7.20
N ILE A 168 -2.42 12.74 6.94
CA ILE A 168 -2.35 12.05 5.64
C ILE A 168 -2.82 10.62 5.88
N LEU A 169 -3.69 10.16 4.99
CA LEU A 169 -4.18 8.79 4.94
C LEU A 169 -4.12 8.30 3.53
N ALA A 170 -4.19 7.01 3.28
CA ALA A 170 -4.34 6.50 1.94
C ALA A 170 -5.78 6.79 1.50
N ALA A 171 -5.93 7.31 0.29
CA ALA A 171 -7.27 7.45 -0.27
C ALA A 171 -8.00 6.14 -0.31
N ALA A 172 -7.31 5.05 -0.57
CA ALA A 172 -7.96 3.75 -0.70
C ALA A 172 -8.70 3.32 0.56
N GLY A 173 -8.15 3.54 1.73
CA GLY A 173 -8.76 3.10 2.95
C GLY A 173 -10.04 3.86 3.19
N LEU A 174 -9.97 5.15 2.98
CA LEU A 174 -11.13 5.99 3.14
C LEU A 174 -12.19 5.63 2.18
N SER A 175 -11.86 5.31 0.97
CA SER A 175 -12.81 4.87 -0.03
C SER A 175 -13.51 3.54 0.31
N ARG A 176 -12.70 2.60 0.78
CA ARG A 176 -13.24 1.27 1.12
C ARG A 176 -14.28 1.37 2.20
N MET A 177 -14.10 2.34 3.10
CA MET A 177 -15.03 2.55 4.21
C MET A 177 -16.18 3.47 3.90
N GLY A 178 -16.17 4.10 2.74
CA GLY A 178 -17.21 5.11 2.37
C GLY A 178 -17.10 6.40 3.16
N TRP A 179 -15.88 6.78 3.53
CA TRP A 179 -15.61 7.99 4.36
C TRP A 179 -15.03 9.14 3.58
N SER A 180 -14.68 8.93 2.32
CA SER A 180 -13.95 9.97 1.58
C SER A 180 -14.68 11.30 1.51
N LYS A 181 -15.98 11.24 1.24
CA LYS A 181 -16.73 12.45 0.86
C LYS A 181 -16.68 13.46 1.99
N ASP A 182 -16.77 12.94 3.22
CA ASP A 182 -16.73 13.76 4.41
C ASP A 182 -15.34 14.00 4.98
N THR A 183 -14.27 13.52 4.31
CA THR A 183 -13.02 13.63 4.92
C THR A 183 -12.02 14.30 3.98
N VAL A 184 -11.91 13.91 2.70
CA VAL A 184 -10.69 14.31 1.97
C VAL A 184 -10.72 15.75 1.56
N THR A 185 -9.70 16.47 1.92
CA THR A 185 -9.51 17.85 1.52
C THR A 185 -8.82 17.96 0.19
N GLN A 186 -7.77 17.18 -0.01
CA GLN A 186 -7.04 17.19 -1.26
C GLN A 186 -6.54 15.77 -1.53
N TYR A 187 -6.77 15.27 -2.71
CA TYR A 187 -6.12 14.05 -3.20
C TYR A 187 -4.75 14.42 -3.71
N LEU A 188 -3.69 13.76 -3.29
CA LEU A 188 -2.37 14.19 -3.68
C LEU A 188 -1.90 13.44 -4.89
N GLU A 189 -1.66 14.16 -5.99
CA GLU A 189 -1.20 13.53 -7.18
C GLU A 189 0.25 12.96 -6.95
N PRO A 190 0.63 11.90 -7.70
CA PRO A 190 1.98 11.36 -7.53
C PRO A 190 3.06 12.34 -7.77
N GLU A 191 2.82 13.34 -8.60
CA GLU A 191 3.81 14.35 -8.90
C GLU A 191 4.24 15.04 -7.67
N ILE A 192 3.37 15.17 -6.64
CA ILE A 192 3.73 15.69 -5.40
C ILE A 192 3.86 14.79 -4.16
N SER A 193 3.24 13.62 -4.17
CA SER A 193 3.50 12.60 -3.15
C SER A 193 3.45 11.31 -3.84
N VAL A 194 4.60 10.71 -4.13
CA VAL A 194 4.64 9.41 -4.80
C VAL A 194 4.17 8.39 -3.76
N PRO A 195 3.21 7.52 -4.09
CA PRO A 195 2.65 6.61 -3.09
C PRO A 195 3.66 5.52 -2.65
N ALA A 196 3.31 4.92 -1.53
CA ALA A 196 3.99 3.74 -1.09
C ALA A 196 3.78 2.66 -2.17
N VAL A 197 4.80 1.79 -2.34
CA VAL A 197 4.66 0.62 -3.15
C VAL A 197 3.46 -0.23 -2.65
N GLY A 198 2.61 -0.51 -3.64
CA GLY A 198 1.47 -1.33 -3.41
C GLY A 198 0.25 -0.60 -2.88
N GLN A 199 0.30 0.70 -2.59
CA GLN A 199 -0.81 1.40 -1.95
C GLN A 199 -2.07 1.34 -2.85
N GLY A 200 -3.19 0.98 -2.24
CA GLY A 200 -4.44 0.79 -2.95
C GLY A 200 -4.61 -0.57 -3.60
N ALA A 201 -3.58 -1.42 -3.58
CA ALA A 201 -3.69 -2.80 -4.08
C ALA A 201 -3.85 -3.72 -2.89
N LEU A 202 -4.55 -4.83 -3.15
CA LEU A 202 -4.68 -5.89 -2.17
C LEU A 202 -3.90 -7.10 -2.68
N ALA A 203 -3.32 -7.82 -1.73
CA ALA A 203 -2.70 -9.12 -1.93
C ALA A 203 -3.62 -10.18 -1.34
N ILE A 204 -4.09 -11.08 -2.20
CA ILE A 204 -4.84 -12.25 -1.72
C ILE A 204 -3.86 -13.44 -1.72
N GLU A 205 -3.55 -13.85 -0.51
CA GLU A 205 -2.54 -14.89 -0.27
C GLU A 205 -3.27 -16.25 -0.04
N CYS A 206 -2.64 -17.24 -0.59
CA CYS A 206 -3.11 -18.63 -0.47
C CYS A 206 -1.94 -19.58 -0.56
N ARG A 207 -2.22 -20.87 -0.37
CA ARG A 207 -1.15 -21.89 -0.60
C ARG A 207 -0.88 -22.06 -2.05
N GLU A 208 0.40 -22.24 -2.40
CA GLU A 208 0.82 -22.45 -3.70
C GLU A 208 0.23 -23.70 -4.36
N ASN A 209 -0.06 -24.69 -3.51
CA ASN A 209 -0.63 -25.94 -4.00
C ASN A 209 -2.12 -26.02 -3.92
N ASP A 210 -2.78 -24.91 -3.63
CA ASP A 210 -4.28 -24.88 -3.55
C ASP A 210 -4.80 -24.55 -4.94
N HIS A 211 -4.68 -25.43 -5.93
CA HIS A 211 -4.93 -25.18 -7.30
C HIS A 211 -6.40 -24.81 -7.52
N GLU A 212 -7.27 -25.45 -6.75
CA GLU A 212 -8.72 -25.15 -6.88
C GLU A 212 -8.96 -23.68 -6.50
N LEU A 213 -8.40 -23.24 -5.40
CA LEU A 213 -8.59 -21.83 -5.00
C LEU A 213 -7.87 -20.91 -5.93
N LEU A 214 -6.67 -21.22 -6.38
CA LEU A 214 -5.96 -20.39 -7.38
C LEU A 214 -6.83 -20.22 -8.62
N SER A 215 -7.54 -21.24 -9.04
CA SER A 215 -8.37 -21.12 -10.25
C SER A 215 -9.58 -20.22 -9.98
N LEU A 216 -10.14 -20.30 -8.82
CA LEU A 216 -11.23 -19.41 -8.43
C LEU A 216 -10.79 -17.99 -8.40
N LEU A 217 -9.62 -17.74 -7.87
CA LEU A 217 -9.07 -16.38 -7.78
C LEU A 217 -8.71 -15.79 -9.10
N GLN A 218 -8.43 -16.59 -10.15
CA GLN A 218 -8.00 -16.08 -11.43
C GLN A 218 -8.90 -15.01 -11.96
N ALA A 219 -10.21 -15.19 -11.90
CA ALA A 219 -11.12 -14.27 -12.58
C ALA A 219 -11.17 -12.93 -11.98
N LEU A 220 -10.76 -12.87 -10.70
CA LEU A 220 -10.68 -11.60 -9.95
C LEU A 220 -9.35 -10.87 -10.18
N ASN A 221 -8.32 -11.57 -10.60
CA ASN A 221 -6.99 -10.99 -10.77
C ASN A 221 -7.08 -9.96 -11.88
N HIS A 222 -6.46 -8.81 -11.68
CA HIS A 222 -6.43 -7.74 -12.69
C HIS A 222 -5.05 -7.62 -13.21
N ASP A 223 -4.80 -8.09 -14.42
CA ASP A 223 -3.44 -8.29 -14.87
C ASP A 223 -2.66 -6.91 -14.92
N GLU A 224 -3.30 -5.85 -15.30
CA GLU A 224 -2.64 -4.54 -15.47
C GLU A 224 -2.20 -4.09 -14.05
N THR A 225 -3.03 -4.30 -13.04
CA THR A 225 -2.64 -3.97 -11.67
C THR A 225 -1.51 -4.85 -11.26
N ALA A 226 -1.58 -6.19 -11.45
CA ALA A 226 -0.60 -7.09 -10.96
C ALA A 226 0.76 -6.78 -11.56
N ARG A 227 0.82 -6.49 -12.86
CA ARG A 227 2.09 -6.21 -13.51
C ARG A 227 2.72 -4.89 -13.01
N ALA A 228 1.90 -3.88 -12.79
CA ALA A 228 2.37 -2.59 -12.24
C ALA A 228 2.92 -2.84 -10.83
N VAL A 229 2.18 -3.50 -9.96
CA VAL A 229 2.62 -3.77 -8.60
C VAL A 229 3.85 -4.64 -8.56
N ARG A 230 3.94 -5.64 -9.45
CA ARG A 230 5.15 -6.47 -9.49
C ARG A 230 6.38 -5.61 -9.71
N ALA A 231 6.30 -4.65 -10.62
CA ALA A 231 7.43 -3.75 -10.88
C ALA A 231 7.82 -2.95 -9.62
N GLU A 232 6.81 -2.40 -8.96
CA GLU A 232 6.97 -1.66 -7.75
C GLU A 232 7.67 -2.53 -6.73
N ARG A 233 7.22 -3.76 -6.57
CA ARG A 233 7.72 -4.67 -5.55
C ARG A 233 9.20 -5.08 -5.83
N VAL A 234 9.49 -5.33 -7.10
CA VAL A 234 10.90 -5.70 -7.44
C VAL A 234 11.84 -4.54 -7.01
N PHE A 235 11.44 -3.29 -7.33
CA PHE A 235 12.19 -2.12 -6.95
C PHE A 235 12.33 -2.12 -5.44
N LEU A 236 11.26 -2.24 -4.67
CA LEU A 236 11.30 -2.09 -3.20
C LEU A 236 12.22 -3.16 -2.62
N LYS A 237 12.09 -4.38 -3.09
CA LYS A 237 12.90 -5.49 -2.54
C LYS A 237 14.40 -5.28 -2.82
N GLU A 238 14.74 -4.83 -4.03
CA GLU A 238 16.14 -4.56 -4.34
C GLU A 238 16.72 -3.40 -3.52
N MET A 239 15.90 -2.43 -3.16
CA MET A 239 16.29 -1.36 -2.32
C MET A 239 16.27 -1.68 -0.83
N GLU A 240 15.78 -2.84 -0.40
CA GLU A 240 15.59 -3.17 0.98
C GLU A 240 14.69 -2.20 1.65
N GLY A 241 13.63 -1.82 0.91
CA GLY A 241 12.67 -0.90 1.47
C GLY A 241 11.55 -1.48 2.25
N GLY A 242 10.72 -0.61 2.80
CA GLY A 242 9.58 -0.96 3.56
C GLY A 242 8.94 0.27 4.13
N CYS A 243 7.94 -0.01 4.97
CA CYS A 243 7.16 1.03 5.62
C CYS A 243 7.90 2.02 6.47
N GLN A 244 9.05 1.62 7.01
CA GLN A 244 9.83 2.45 7.93
C GLN A 244 10.90 3.31 7.25
N VAL A 245 11.04 3.21 5.94
CA VAL A 245 12.06 3.77 5.10
C VAL A 245 11.41 4.88 4.20
N PRO A 246 12.05 6.02 3.88
CA PRO A 246 11.46 7.07 2.98
C PRO A 246 11.66 6.69 1.53
N ILE A 247 10.94 5.66 1.11
CA ILE A 247 10.98 5.09 -0.25
C ILE A 247 9.54 5.01 -0.81
N ALA A 248 9.42 5.27 -2.09
CA ALA A 248 8.13 5.26 -2.76
C ALA A 248 8.28 4.69 -4.13
N GLY A 249 7.23 4.09 -4.65
CA GLY A 249 7.21 3.61 -5.99
C GLY A 249 5.85 3.39 -6.52
N TYR A 250 5.54 3.89 -7.73
CA TYR A 250 4.24 3.76 -8.30
C TYR A 250 4.38 3.45 -9.75
N GLY A 251 3.80 2.31 -10.10
CA GLY A 251 3.75 1.86 -11.51
C GLY A 251 2.35 1.89 -12.05
N ARG A 252 2.22 2.22 -13.30
CA ARG A 252 0.97 2.19 -13.96
C ARG A 252 1.19 1.73 -15.40
N ILE A 253 0.10 1.38 -16.07
CA ILE A 253 0.16 0.94 -17.47
C ILE A 253 -0.25 2.08 -18.32
N LEU A 254 0.64 2.40 -19.26
CA LEU A 254 0.39 3.46 -20.19
C LEU A 254 -0.61 2.98 -21.25
N ASP A 255 -1.14 3.96 -21.97
CA ASP A 255 -2.18 3.65 -22.96
C ASP A 255 -1.67 2.75 -24.05
N GLY A 256 -0.37 2.87 -24.36
CA GLY A 256 0.30 1.97 -25.38
C GLY A 256 0.60 0.56 -24.87
N GLY A 257 0.50 0.33 -23.56
CA GLY A 257 0.63 -0.98 -22.93
C GLY A 257 1.89 -1.18 -22.05
N ASN A 258 2.89 -0.31 -22.20
CA ASN A 258 4.05 -0.41 -21.39
C ASN A 258 3.76 0.02 -19.93
N ILE A 259 4.57 -0.48 -19.05
CA ILE A 259 4.56 -0.02 -17.67
C ILE A 259 5.45 1.19 -17.48
N GLU A 260 4.99 2.19 -16.74
CA GLU A 260 5.82 3.31 -16.30
C GLU A 260 5.93 3.24 -14.80
N LEU A 261 7.13 3.24 -14.31
CA LEU A 261 7.43 3.16 -12.88
C LEU A 261 8.10 4.44 -12.46
N THR A 262 7.53 5.11 -11.48
CA THR A 262 8.13 6.21 -10.77
C THR A 262 8.72 5.72 -9.47
N SER A 263 10.00 6.00 -9.22
CA SER A 263 10.71 5.57 -8.03
C SER A 263 11.21 6.77 -7.33
N LEU A 264 11.22 6.73 -6.01
CA LEU A 264 11.63 7.88 -5.18
C LEU A 264 12.19 7.40 -3.87
N VAL A 265 13.32 8.03 -3.44
CA VAL A 265 13.86 7.96 -2.08
C VAL A 265 14.15 9.38 -1.66
N ALA A 266 13.79 9.69 -0.42
CA ALA A 266 14.00 11.04 0.09
C ALA A 266 14.72 11.00 1.47
N SER A 267 15.51 12.03 1.72
CA SER A 267 15.93 12.23 3.07
C SER A 267 14.78 12.60 3.95
N PRO A 268 14.83 12.19 5.22
CA PRO A 268 13.70 12.49 6.11
C PRO A 268 13.31 13.96 6.16
N ASP A 269 14.27 14.88 6.07
CA ASP A 269 13.98 16.32 6.06
C ASP A 269 13.53 16.91 4.73
N GLY A 270 13.42 16.07 3.69
CA GLY A 270 12.95 16.50 2.42
C GLY A 270 13.92 17.22 1.54
N LYS A 271 15.18 17.36 1.99
CA LYS A 271 16.13 18.23 1.23
C LYS A 271 16.82 17.55 0.10
N THR A 272 16.93 16.22 0.21
CA THR A 272 17.53 15.43 -0.86
C THR A 272 16.41 14.48 -1.39
N ILE A 273 16.19 14.53 -2.70
CA ILE A 273 15.17 13.72 -3.36
C ILE A 273 15.83 13.00 -4.56
N TYR A 274 15.77 11.68 -4.58
CA TYR A 274 16.12 10.87 -5.74
C TYR A 274 14.82 10.44 -6.37
N LYS A 275 14.60 10.79 -7.61
CA LYS A 275 13.37 10.48 -8.30
C LYS A 275 13.61 10.21 -9.75
N GLU A 276 13.12 9.08 -10.21
CA GLU A 276 13.28 8.64 -11.60
C GLU A 276 12.02 8.03 -12.19
N HIS A 277 11.92 7.98 -13.50
CA HIS A 277 10.88 7.37 -14.24
C HIS A 277 11.52 6.40 -15.20
N ILE A 278 10.97 5.23 -15.30
CA ILE A 278 11.35 4.27 -16.31
C ILE A 278 10.18 3.59 -16.91
N THR A 279 10.30 3.31 -18.22
CA THR A 279 9.23 2.69 -18.98
C THR A 279 9.71 1.40 -19.61
N GLY A 280 8.88 0.39 -19.56
CA GLY A 280 9.24 -0.89 -20.22
C GLY A 280 8.14 -1.91 -20.14
N LYS A 281 8.38 -3.08 -20.70
CA LYS A 281 7.35 -4.11 -20.77
C LYS A 281 7.40 -5.12 -19.60
N ASP A 282 8.58 -5.38 -19.08
CA ASP A 282 8.83 -6.48 -18.16
C ASP A 282 8.99 -5.90 -16.76
N PRO A 283 8.07 -6.22 -15.86
CA PRO A 283 8.11 -5.58 -14.54
C PRO A 283 9.37 -5.94 -13.77
N ILE A 284 9.93 -7.13 -13.96
CA ILE A 284 11.13 -7.47 -13.24
C ILE A 284 12.34 -6.63 -13.73
N ALA A 285 12.47 -6.49 -15.03
CA ALA A 285 13.58 -5.74 -15.62
C ALA A 285 13.49 -4.28 -15.25
N ILE A 286 12.27 -3.71 -15.24
CA ILE A 286 12.14 -2.26 -14.97
C ILE A 286 12.29 -1.97 -13.47
N GLY A 287 11.80 -2.83 -12.59
CA GLY A 287 12.01 -2.67 -11.15
C GLY A 287 13.49 -2.75 -10.82
N SER A 288 14.17 -3.74 -11.42
CA SER A 288 15.59 -3.96 -11.09
C SER A 288 16.41 -2.77 -11.61
N GLU A 289 16.11 -2.30 -12.80
CA GLU A 289 16.80 -1.12 -13.36
C GLU A 289 16.57 0.12 -12.52
N ALA A 290 15.32 0.31 -12.06
CA ALA A 290 15.09 1.46 -11.22
C ALA A 290 15.89 1.42 -9.94
N ALA A 291 16.03 0.24 -9.34
CA ALA A 291 16.78 0.07 -8.17
C ALA A 291 18.30 0.39 -8.39
N GLU A 292 18.81 -0.13 -9.48
CA GLU A 292 20.23 0.05 -9.81
C GLU A 292 20.51 1.54 -10.04
N ARG A 293 19.60 2.23 -10.72
CA ARG A 293 19.73 3.64 -10.99
C ARG A 293 19.76 4.43 -9.69
N LEU A 294 18.76 4.18 -8.84
CA LEU A 294 18.70 4.95 -7.62
C LEU A 294 19.89 4.60 -6.69
N THR A 295 20.27 3.32 -6.62
CA THR A 295 21.43 2.94 -5.79
C THR A 295 22.75 3.61 -6.28
N SER A 296 22.89 3.71 -7.58
CA SER A 296 24.11 4.41 -8.10
C SER A 296 24.10 5.87 -7.74
N GLN A 297 22.92 6.46 -7.67
CA GLN A 297 22.85 7.84 -7.26
C GLN A 297 23.06 8.16 -5.78
N GLY A 298 23.06 7.16 -4.92
CA GLY A 298 23.22 7.34 -3.50
C GLY A 298 22.02 7.00 -2.63
N ALA A 299 20.92 6.54 -3.25
CA ALA A 299 19.70 6.33 -2.45
C ALA A 299 19.76 5.19 -1.51
N LYS A 300 20.54 4.15 -1.83
CA LYS A 300 20.68 3.03 -0.93
C LYS A 300 21.50 3.38 0.31
N LEU A 301 22.56 4.19 0.09
CA LEU A 301 23.31 4.62 1.25
C LEU A 301 22.42 5.43 2.19
N LEU A 302 21.58 6.31 1.57
CA LEU A 302 20.63 7.07 2.40
C LEU A 302 19.71 6.16 3.24
N ILE A 303 19.12 5.14 2.61
CA ILE A 303 18.30 4.16 3.28
C ILE A 303 18.99 3.47 4.42
N ASP A 304 20.26 3.10 4.16
CA ASP A 304 21.03 2.40 5.17
C ASP A 304 21.29 3.34 6.31
N ARG A 305 21.59 4.61 6.04
CA ARG A 305 21.84 5.57 7.14
C ARG A 305 20.56 5.81 7.97
N VAL A 306 19.41 5.89 7.27
CA VAL A 306 18.17 6.09 8.02
C VAL A 306 17.89 4.90 8.95
N LYS A 307 18.10 3.66 8.47
CA LYS A 307 17.91 2.54 9.31
C LYS A 307 18.82 2.53 10.56
N GLU A 308 20.04 3.04 10.40
CA GLU A 308 21.03 3.10 11.52
C GLU A 308 20.54 4.02 12.64
N GLU A 309 19.79 5.05 12.25
CA GLU A 309 19.26 6.06 13.18
C GLU A 309 17.78 5.92 13.56
N LEU A 310 17.20 4.73 13.33
CA LEU A 310 15.87 4.33 13.90
C LEU A 310 16.13 3.33 15.03
N ASP A 311 15.13 3.19 15.93
CA ASP A 311 15.00 2.01 16.82
C ASP A 311 14.52 0.81 15.99
C1A DPM B . 2.81 1.35 5.53
C2A DPM B . 2.85 2.66 5.71
C3A DPM B . 1.78 2.99 6.43
C4A DPM B . 1.09 1.87 6.64
C5A DPM B . 3.99 3.58 5.24
C6A DPM B . 3.73 4.53 4.03
C7A DPM B . 1.37 4.41 6.83
C8A DPM B . 1.94 4.96 8.12
C9A DPM B . 1.52 6.46 8.44
CHA DPM B . 3.81 0.55 4.76
NA DPM B . 1.73 0.86 6.09
O1A DPM B . 2.67 4.54 3.54
O2A DPM B . 4.70 5.16 3.66
O3A DPM B . 1.28 7.29 7.57
O4A DPM B . 1.60 6.78 9.57
C1B DPM B . -1.38 1.22 6.29
C2B DPM B . -2.47 1.89 5.85
C3B DPM B . -3.10 1.09 4.97
C4B DPM B . -2.41 -0.02 4.83
C5B DPM B . -2.91 3.27 6.41
C6B DPM B . -2.85 4.49 5.52
C7B DPM B . -4.38 1.34 4.14
C8B DPM B . -4.10 1.74 2.67
C9B DPM B . -3.83 0.62 1.67
CHB DPM B . -0.28 1.69 7.34
NB DPM B . -1.36 0.09 5.62
O1B DPM B . -3.83 5.15 5.50
O2B DPM B . -1.90 4.63 4.83
O3B DPM B . -4.53 -0.39 1.79
O4B DPM B . -2.97 0.78 0.85
O4A 29P C . 1.59 6.78 9.58
C9A 29P C . 1.53 6.47 8.45
O3A 29P C . 1.28 7.29 7.58
C8A 29P C . 1.94 4.96 8.13
C7A 29P C . 1.40 4.42 6.84
C3A 29P C . 1.81 2.99 6.44
C2A 29P C . 2.86 2.66 5.71
C5A 29P C . 3.98 3.57 5.22
C6A 29P C . 3.73 4.53 4.03
O1A 29P C . 2.66 4.55 3.53
O2A 29P C . 4.70 5.16 3.66
C1A 29P C . 2.80 1.35 5.54
CHA 29P C . 3.81 0.55 4.76
NA 29P C . 1.72 0.86 6.13
C4A 29P C . 1.11 1.89 6.68
CHB 29P C . -0.26 1.85 7.44
C1B 29P C . -0.51 0.79 8.54
C2B 29P C . -1.70 1.01 9.32
C5B 29P C . -1.82 2.23 10.28
C6B 29P C . -1.47 1.97 11.76
O1B 29P C . -0.89 2.86 12.42
O2B 29P C . -1.86 0.90 12.23
NB 29P C . -0.86 -0.43 7.85
C4B 29P C . -2.08 -0.82 8.22
O5B 29P C . -2.65 -1.83 7.81
C3B 29P C . -2.63 0.04 9.08
C7B 29P C . -4.04 -0.20 9.70
C8B 29P C . -5.20 0.53 8.98
C9B 29P C . -6.58 0.07 9.49
O3B 29P C . -6.77 -1.15 9.54
O4B 29P C . -7.40 0.95 9.79
C ACY D . -18.47 -14.47 6.81
O ACY D . -17.84 -15.18 7.62
OXT ACY D . -19.42 -13.69 7.15
CH3 ACY D . -18.14 -14.60 5.32
#